data_6XVS
#
_entry.id   6XVS
#
_cell.length_a   55.540
_cell.length_b   65.490
_cell.length_c   82.230
_cell.angle_alpha   90.000
_cell.angle_beta   90.000
_cell.angle_gamma   90.000
#
_symmetry.space_group_name_H-M   'P 21 21 21'
#
loop_
_entity.id
_entity.type
_entity.pdbx_description
1 polymer 'Myelin P2 protein'
2 non-polymer GLYCEROL
3 water water
#
_entity_poly.entity_id   1
_entity_poly.type   'polypeptide(L)'
_entity_poly.pdbx_seq_one_letter_code
;GMSNKFLGTWKLVSSENFDDYMKALGVGLATRKLGNLAKGTVIISKKGDIITIRTESTFKNTEISFKLGQEFEETTADNR
KTKSIVTLQRGSLNQVQRWDGKETTIKRKLVNGKMVAE(CSO)KMKGVVCTRIYEKV
;
_entity_poly.pdbx_strand_id   A,B
#
# COMPACT_ATOMS: atom_id res chain seq x y z
N GLY A 1 -8.84 3.40 -32.51
CA GLY A 1 -8.06 2.85 -31.34
C GLY A 1 -7.44 3.94 -30.48
N MET A 2 -6.83 3.53 -29.34
CA MET A 2 -6.14 4.50 -28.49
C MET A 2 -5.01 5.19 -29.26
N SER A 3 -5.01 6.51 -29.25
CA SER A 3 -3.93 7.24 -29.91
C SER A 3 -2.57 6.80 -29.38
N ASN A 4 -1.63 6.60 -30.30
CA ASN A 4 -0.28 6.24 -29.90
C ASN A 4 0.37 7.35 -29.11
N LYS A 5 -0.20 8.55 -29.16
CA LYS A 5 0.36 9.66 -28.41
C LYS A 5 0.27 9.42 -26.91
N PHE A 6 -0.67 8.58 -26.44
CA PHE A 6 -0.71 8.21 -25.03
C PHE A 6 0.49 7.38 -24.60
N LEU A 7 1.14 6.68 -25.53
CA LEU A 7 2.17 5.72 -25.17
C LEU A 7 3.42 6.44 -24.68
N GLY A 8 4.08 5.90 -23.65
CA GLY A 8 5.31 6.50 -23.16
C GLY A 8 5.31 6.66 -21.66
N THR A 9 6.24 7.48 -21.17
CA THR A 9 6.46 7.69 -19.75
C THR A 9 6.07 9.10 -19.40
N TRP A 10 5.26 9.22 -18.36
CA TRP A 10 4.64 10.47 -18.00
C TRP A 10 5.04 10.82 -16.58
N LYS A 11 5.47 12.06 -16.37
CA LYS A 11 5.91 12.55 -15.07
C LYS A 11 4.88 13.52 -14.53
N LEU A 12 4.47 13.28 -13.29
CA LEU A 12 3.51 14.16 -12.67
C LEU A 12 4.10 15.55 -12.52
N VAL A 13 3.35 16.57 -12.92
CA VAL A 13 3.87 17.93 -12.79
C VAL A 13 2.87 18.81 -12.03
N SER A 14 1.69 18.27 -11.73
CA SER A 14 0.67 19.12 -11.13
C SER A 14 -0.46 18.25 -10.58
N SER A 15 -0.95 18.59 -9.38
CA SER A 15 -2.01 17.81 -8.75
C SER A 15 -2.87 18.71 -7.88
N GLU A 16 -4.18 18.61 -8.09
N GLU A 16 -4.17 18.73 -8.12
CA GLU A 16 -5.22 19.44 -7.48
CA GLU A 16 -5.12 19.45 -7.29
C GLU A 16 -6.27 18.54 -6.86
C GLU A 16 -6.16 18.50 -6.76
N ASN A 17 -6.37 18.56 -5.53
N ASN A 17 -6.39 18.59 -5.45
CA ASN A 17 -7.45 17.93 -4.79
CA ASN A 17 -7.48 17.91 -4.75
C ASN A 17 -7.31 16.41 -4.71
C ASN A 17 -7.30 16.40 -4.68
N PHE A 18 -6.09 15.90 -4.80
CA PHE A 18 -5.89 14.45 -4.68
C PHE A 18 -6.24 13.97 -3.28
N ASP A 19 -5.88 14.73 -2.24
CA ASP A 19 -6.22 14.29 -0.89
C ASP A 19 -7.72 14.15 -0.69
N ASP A 20 -8.52 15.14 -1.10
CA ASP A 20 -9.96 14.98 -0.98
C ASP A 20 -10.45 13.79 -1.79
N TYR A 21 -9.87 13.56 -2.98
CA TYR A 21 -10.29 12.41 -3.78
C TYR A 21 -10.04 11.11 -3.01
N MET A 22 -8.82 10.92 -2.50
CA MET A 22 -8.54 9.73 -1.72
C MET A 22 -9.50 9.60 -0.55
N LYS A 23 -9.77 10.70 0.13
CA LYS A 23 -10.67 10.66 1.27
C LYS A 23 -12.07 10.22 0.82
N ALA A 24 -12.54 10.75 -0.31
CA ALA A 24 -13.85 10.31 -0.83
C ALA A 24 -13.85 8.83 -1.18
N LEU A 25 -12.72 8.28 -1.57
CA LEU A 25 -12.63 6.85 -1.86
C LEU A 25 -12.56 6.00 -0.61
N GLY A 26 -12.41 6.62 0.56
CA GLY A 26 -12.30 5.83 1.77
C GLY A 26 -10.88 5.47 2.16
N VAL A 27 -9.89 6.14 1.59
CA VAL A 27 -8.50 5.86 1.91
C VAL A 27 -8.20 6.32 3.33
N GLY A 28 -7.49 5.48 4.08
CA GLY A 28 -7.11 5.76 5.44
C GLY A 28 -6.02 6.81 5.55
N LEU A 29 -5.80 7.21 6.79
CA LEU A 29 -4.87 8.28 7.15
C LEU A 29 -3.44 8.04 6.63
N ALA A 30 -2.94 6.82 6.79
CA ALA A 30 -1.54 6.52 6.48
C ALA A 30 -1.32 6.45 4.98
N THR A 31 -2.25 5.83 4.27
CA THR A 31 -2.12 5.78 2.82
C THR A 31 -2.30 7.16 2.20
N ARG A 32 -3.20 7.99 2.74
CA ARG A 32 -3.30 9.37 2.26
C ARG A 32 -1.98 10.10 2.44
N LYS A 33 -1.39 9.99 3.62
CA LYS A 33 -0.13 10.66 3.89
C LYS A 33 0.91 10.23 2.86
N LEU A 34 1.05 8.92 2.62
CA LEU A 34 2.02 8.45 1.63
C LEU A 34 1.60 8.81 0.21
N GLY A 35 0.30 8.84 -0.06
CA GLY A 35 -0.14 9.15 -1.42
C GLY A 35 0.11 10.59 -1.83
N ASN A 36 -0.03 11.52 -0.87
CA ASN A 36 0.12 12.93 -1.16
C ASN A 36 1.58 13.32 -1.35
N LEU A 37 2.50 12.48 -0.88
CA LEU A 37 3.93 12.64 -1.11
C LEU A 37 4.45 11.91 -2.34
N ALA A 38 3.69 10.93 -2.85
CA ALA A 38 4.24 9.88 -3.73
C ALA A 38 4.80 10.43 -5.06
N LYS A 39 4.14 11.43 -5.65
CA LYS A 39 4.51 11.98 -6.96
C LYS A 39 4.97 10.89 -7.94
N GLY A 40 4.01 10.16 -8.47
CA GLY A 40 4.31 9.01 -9.29
C GLY A 40 4.55 9.31 -10.76
N THR A 41 5.18 8.34 -11.41
CA THR A 41 5.35 8.29 -12.86
C THR A 41 4.36 7.29 -13.44
N VAL A 42 3.74 7.62 -14.57
CA VAL A 42 2.79 6.73 -15.22
C VAL A 42 3.36 6.31 -16.58
N ILE A 43 3.44 5.01 -16.80
CA ILE A 43 3.95 4.44 -18.05
C ILE A 43 2.82 3.69 -18.75
N ILE A 44 2.47 4.15 -19.95
CA ILE A 44 1.44 3.53 -20.76
C ILE A 44 2.10 2.81 -21.90
N SER A 45 1.80 1.53 -22.04
CA SER A 45 2.39 0.71 -23.08
C SER A 45 1.28 -0.17 -23.65
N LYS A 46 1.56 -0.79 -24.79
CA LYS A 46 0.64 -1.73 -25.40
C LYS A 46 1.39 -2.87 -26.05
N LYS A 47 0.83 -4.07 -25.94
CA LYS A 47 1.29 -5.24 -26.67
C LYS A 47 0.05 -5.78 -27.38
N GLY A 48 -0.03 -5.56 -28.69
CA GLY A 48 -1.22 -5.94 -29.42
C GLY A 48 -2.42 -5.10 -29.00
N ASP A 49 -3.50 -5.75 -28.58
CA ASP A 49 -4.68 -5.04 -28.12
C ASP A 49 -4.76 -4.97 -26.59
N ILE A 50 -3.67 -5.31 -25.89
CA ILE A 50 -3.61 -5.21 -24.43
C ILE A 50 -2.81 -3.97 -24.08
N ILE A 51 -3.46 -3.05 -23.40
CA ILE A 51 -2.87 -1.80 -22.94
C ILE A 51 -2.47 -2.00 -21.49
N THR A 52 -1.29 -1.51 -21.13
CA THR A 52 -0.83 -1.58 -19.76
C THR A 52 -0.59 -0.17 -19.28
N ILE A 53 -1.10 0.11 -18.07
CA ILE A 53 -0.88 1.38 -17.40
C ILE A 53 -0.18 1.06 -16.11
N ARG A 54 1.06 1.52 -15.99
CA ARG A 54 1.89 1.24 -14.82
C ARG A 54 2.15 2.54 -14.08
N THR A 55 1.92 2.55 -12.75
CA THR A 55 2.15 3.72 -11.91
C THR A 55 3.26 3.38 -10.94
N GLU A 56 4.35 4.15 -10.96
CA GLU A 56 5.52 3.86 -10.15
C GLU A 56 5.75 4.96 -9.13
N SER A 57 5.99 4.57 -7.88
CA SER A 57 6.38 5.54 -6.86
C SER A 57 7.29 4.86 -5.85
N THR A 58 7.96 5.69 -5.04
CA THR A 58 8.82 5.16 -4.01
C THR A 58 8.00 4.36 -3.00
N PHE A 59 6.75 4.77 -2.76
CA PHE A 59 5.85 4.03 -1.89
C PHE A 59 5.42 2.71 -2.54
N LYS A 60 4.80 2.75 -3.71
CA LYS A 60 4.13 1.58 -4.26
C LYS A 60 4.15 1.65 -5.77
N ASN A 61 4.38 0.51 -6.43
CA ASN A 61 4.23 0.37 -7.87
C ASN A 61 3.01 -0.51 -8.13
N THR A 62 2.16 -0.09 -9.04
CA THR A 62 1.03 -0.93 -9.44
C THR A 62 0.93 -0.91 -10.95
N GLU A 63 0.17 -1.86 -11.49
CA GLU A 63 -0.14 -1.77 -12.91
C GLU A 63 -1.41 -2.53 -13.24
N ILE A 64 -2.06 -2.10 -14.30
CA ILE A 64 -3.22 -2.79 -14.83
C ILE A 64 -2.96 -3.06 -16.31
N SER A 65 -3.43 -4.19 -16.79
CA SER A 65 -3.44 -4.52 -18.21
C SER A 65 -4.86 -4.86 -18.61
N PHE A 66 -5.30 -4.40 -19.79
CA PHE A 66 -6.70 -4.51 -20.15
C PHE A 66 -6.87 -4.38 -21.65
N LYS A 67 -8.03 -4.83 -22.11
CA LYS A 67 -8.49 -4.59 -23.46
C LYS A 67 -9.68 -3.61 -23.41
N LEU A 68 -9.76 -2.72 -24.38
CA LEU A 68 -10.77 -1.68 -24.33
C LEU A 68 -12.15 -2.34 -24.27
N GLY A 69 -12.99 -1.82 -23.39
CA GLY A 69 -14.35 -2.27 -23.24
C GLY A 69 -14.55 -3.64 -22.64
N GLN A 70 -13.50 -4.29 -22.13
CA GLN A 70 -13.67 -5.59 -21.49
C GLN A 70 -13.37 -5.45 -19.99
N GLU A 71 -14.39 -5.72 -19.18
CA GLU A 71 -14.28 -5.58 -17.75
C GLU A 71 -13.22 -6.50 -17.17
N PHE A 72 -12.50 -6.01 -16.17
CA PHE A 72 -11.44 -6.79 -15.54
C PHE A 72 -11.42 -6.49 -14.06
N GLU A 73 -10.86 -7.43 -13.32
CA GLU A 73 -10.71 -7.29 -11.88
C GLU A 73 -9.45 -6.52 -11.57
N GLU A 74 -9.54 -5.62 -10.60
CA GLU A 74 -8.42 -4.76 -10.24
C GLU A 74 -8.35 -4.73 -8.72
N THR A 75 -7.14 -4.82 -8.18
CA THR A 75 -6.92 -4.51 -6.77
C THR A 75 -6.11 -3.23 -6.79
N THR A 76 -6.74 -2.14 -6.35
CA THR A 76 -6.17 -0.82 -6.48
C THR A 76 -5.05 -0.61 -5.47
N ALA A 77 -4.32 0.48 -5.64
CA ALA A 77 -3.23 0.77 -4.71
C ALA A 77 -3.72 0.91 -3.28
N ASP A 78 -4.95 1.41 -3.10
CA ASP A 78 -5.55 1.55 -1.77
C ASP A 78 -6.36 0.32 -1.38
N ASN A 79 -6.18 -0.81 -2.07
CA ASN A 79 -6.77 -2.11 -1.69
C ASN A 79 -8.28 -2.18 -1.89
N ARG A 80 -8.81 -1.46 -2.85
CA ARG A 80 -10.16 -1.72 -3.27
C ARG A 80 -10.13 -2.86 -4.29
N LYS A 81 -11.10 -3.77 -4.17
CA LYS A 81 -11.27 -4.88 -5.10
C LYS A 81 -12.39 -4.44 -6.03
N THR A 82 -12.02 -3.99 -7.23
CA THR A 82 -12.98 -3.36 -8.11
C THR A 82 -13.15 -4.17 -9.40
N LYS A 83 -14.27 -3.87 -10.05
CA LYS A 83 -14.53 -4.25 -11.43
C LYS A 83 -14.33 -2.99 -12.26
N SER A 84 -13.44 -3.05 -13.23
CA SER A 84 -13.01 -1.88 -13.95
C SER A 84 -13.19 -2.09 -15.45
N ILE A 85 -13.39 -0.97 -16.15
CA ILE A 85 -13.51 -1.00 -17.61
C ILE A 85 -12.87 0.27 -18.13
N VAL A 86 -12.11 0.16 -19.22
CA VAL A 86 -11.50 1.31 -19.88
C VAL A 86 -12.10 1.41 -21.27
N THR A 87 -12.59 2.59 -21.61
CA THR A 87 -13.25 2.87 -22.88
C THR A 87 -12.62 4.08 -23.51
N LEU A 88 -12.95 4.28 -24.79
CA LEU A 88 -12.43 5.37 -25.58
C LEU A 88 -13.61 6.20 -26.04
N GLN A 89 -13.60 7.48 -25.70
CA GLN A 89 -14.70 8.38 -26.00
CA GLN A 89 -14.70 8.38 -26.01
C GLN A 89 -14.10 9.71 -26.44
N ARG A 90 -14.32 10.07 -27.71
CA ARG A 90 -13.77 11.31 -28.26
C ARG A 90 -12.29 11.50 -27.94
N GLY A 91 -11.50 10.44 -28.12
CA GLY A 91 -10.08 10.56 -27.86
C GLY A 91 -9.66 10.55 -26.40
N SER A 92 -10.61 10.56 -25.47
CA SER A 92 -10.30 10.45 -24.05
C SER A 92 -10.30 8.99 -23.66
N LEU A 93 -9.35 8.61 -22.82
CA LEU A 93 -9.22 7.25 -22.36
C LEU A 93 -9.85 7.19 -20.97
N ASN A 94 -10.98 6.51 -20.85
CA ASN A 94 -11.88 6.66 -19.71
C ASN A 94 -11.99 5.36 -18.93
N GLN A 95 -11.63 5.43 -17.65
CA GLN A 95 -11.64 4.26 -16.78
C GLN A 95 -12.73 4.43 -15.72
N VAL A 96 -13.54 3.39 -15.53
CA VAL A 96 -14.50 3.34 -14.42
C VAL A 96 -14.11 2.16 -13.52
N GLN A 97 -14.18 2.37 -12.20
CA GLN A 97 -14.00 1.32 -11.21
C GLN A 97 -15.25 1.24 -10.38
N ARG A 98 -15.75 0.02 -10.19
CA ARG A 98 -16.95 -0.24 -9.40
C ARG A 98 -16.66 -1.23 -8.29
N TRP A 99 -17.18 -0.91 -7.11
CA TRP A 99 -17.01 -1.75 -5.92
C TRP A 99 -18.04 -1.35 -4.87
N ASP A 100 -18.60 -2.35 -4.20
CA ASP A 100 -19.53 -2.11 -3.10
C ASP A 100 -20.61 -1.10 -3.48
N GLY A 101 -21.11 -1.20 -4.72
CA GLY A 101 -22.11 -0.29 -5.20
C GLY A 101 -21.65 1.14 -5.41
N LYS A 102 -20.35 1.40 -5.31
CA LYS A 102 -19.78 2.70 -5.55
C LYS A 102 -19.06 2.69 -6.90
N GLU A 103 -18.75 3.88 -7.38
CA GLU A 103 -18.13 4.03 -8.68
C GLU A 103 -17.27 5.27 -8.65
N THR A 104 -16.09 5.17 -9.27
CA THR A 104 -15.23 6.31 -9.52
C THR A 104 -14.75 6.24 -10.96
N THR A 105 -14.44 7.40 -11.54
CA THR A 105 -13.97 7.46 -12.92
C THR A 105 -12.66 8.21 -12.97
N ILE A 106 -11.77 7.75 -13.85
CA ILE A 106 -10.48 8.38 -14.12
C ILE A 106 -10.44 8.60 -15.62
N LYS A 107 -10.46 9.86 -16.04
CA LYS A 107 -10.49 10.21 -17.45
C LYS A 107 -9.16 10.85 -17.81
N ARG A 108 -8.57 10.36 -18.88
CA ARG A 108 -7.23 10.75 -19.30
C ARG A 108 -7.32 11.27 -20.72
N LYS A 109 -6.96 12.54 -20.91
CA LYS A 109 -7.00 13.20 -22.21
C LYS A 109 -5.65 13.87 -22.45
N LEU A 110 -5.34 14.07 -23.73
CA LEU A 110 -4.14 14.81 -24.14
C LEU A 110 -4.51 16.26 -24.44
N VAL A 111 -3.75 17.18 -23.87
CA VAL A 111 -4.01 18.62 -23.97
C VAL A 111 -2.69 19.31 -24.21
N ASN A 112 -2.46 19.74 -25.45
CA ASN A 112 -1.25 20.45 -25.83
C ASN A 112 -0.01 19.72 -25.31
N GLY A 113 0.04 18.41 -25.55
CA GLY A 113 1.19 17.60 -25.23
C GLY A 113 1.20 16.99 -23.84
N LYS A 114 0.37 17.50 -22.92
CA LYS A 114 0.28 17.00 -21.56
C LYS A 114 -0.81 15.94 -21.46
N MET A 115 -0.68 15.02 -20.50
CA MET A 115 -1.77 14.12 -20.18
C MET A 115 -2.47 14.64 -18.93
N VAL A 116 -3.76 14.88 -19.04
CA VAL A 116 -4.58 15.41 -17.96
C VAL A 116 -5.49 14.30 -17.48
N ALA A 117 -5.35 13.93 -16.21
CA ALA A 117 -6.18 12.91 -15.58
C ALA A 117 -7.18 13.59 -14.67
N GLU A 118 -8.46 13.42 -14.97
CA GLU A 118 -9.50 13.92 -14.13
C GLU A 118 -10.18 12.75 -13.42
N LYS A 120 -12.96 11.49 -10.54
CA LYS A 120 -14.18 11.93 -9.85
C LYS A 120 -14.72 10.85 -8.93
N MET A 121 -15.06 11.23 -7.71
CA MET A 121 -15.75 10.36 -6.78
C MET A 121 -16.75 11.22 -6.03
N LYS A 122 -18.04 10.91 -6.12
N LYS A 122 -18.03 10.88 -6.15
CA LYS A 122 -19.05 11.60 -5.31
CA LYS A 122 -19.14 11.67 -5.62
C LYS A 122 -18.88 13.13 -5.36
C LYS A 122 -19.03 13.05 -6.27
N GLY A 123 -18.70 13.66 -6.57
N GLY A 123 -18.90 14.13 -5.49
CA GLY A 123 -18.60 15.11 -6.74
CA GLY A 123 -18.75 15.45 -6.06
C GLY A 123 -17.23 15.72 -6.49
C GLY A 123 -17.33 15.94 -5.95
N VAL A 124 -16.36 15.05 -5.73
CA VAL A 124 -14.99 15.48 -5.59
C VAL A 124 -14.26 15.23 -6.90
N VAL A 125 -13.49 16.22 -7.36
CA VAL A 125 -12.79 16.16 -8.65
C VAL A 125 -11.33 16.42 -8.41
N CYS A 126 -10.48 15.46 -8.75
CA CYS A 126 -9.04 15.62 -8.73
C CYS A 126 -8.51 15.74 -10.15
N THR A 127 -7.62 16.71 -10.34
CA THR A 127 -6.95 16.90 -11.63
C THR A 127 -5.46 16.73 -11.44
N ARG A 128 -4.89 15.82 -12.20
CA ARG A 128 -3.46 15.59 -12.21
C ARG A 128 -2.96 15.77 -13.64
N ILE A 129 -1.88 16.52 -13.79
CA ILE A 129 -1.31 16.83 -15.08
C ILE A 129 0.06 16.20 -15.18
N TYR A 130 0.32 15.55 -16.31
CA TYR A 130 1.57 14.87 -16.56
C TYR A 130 2.22 15.43 -17.82
N GLU A 131 3.54 15.46 -17.84
N GLU A 131 3.55 15.44 -17.81
CA GLU A 131 4.27 15.80 -19.05
CA GLU A 131 4.35 15.78 -18.98
C GLU A 131 5.05 14.58 -19.47
C GLU A 131 5.03 14.52 -19.48
N LYS A 132 5.18 14.43 -20.79
CA LYS A 132 5.90 13.32 -21.38
C LYS A 132 7.39 13.55 -21.28
N VAL A 133 8.11 12.50 -20.91
CA VAL A 133 9.55 12.59 -20.69
C VAL A 133 10.30 11.53 -21.45
N GLY B 1 22.69 -6.74 1.12
CA GLY B 1 22.10 -7.10 2.43
C GLY B 1 21.07 -6.07 2.81
N MET B 2 20.40 -6.30 3.92
CA MET B 2 19.47 -5.32 4.46
C MET B 2 20.19 -4.00 4.65
N SER B 3 19.63 -2.92 4.12
CA SER B 3 20.22 -1.60 4.32
C SER B 3 20.38 -1.28 5.79
N ASN B 4 21.53 -0.72 6.16
CA ASN B 4 21.72 -0.29 7.54
C ASN B 4 20.78 0.87 7.91
N LYS B 5 20.14 1.55 6.94
CA LYS B 5 19.14 2.54 7.29
C LYS B 5 17.93 1.93 8.01
N PHE B 6 17.75 0.61 7.96
CA PHE B 6 16.69 -0.02 8.78
C PHE B 6 17.06 -0.05 10.27
N LEU B 7 18.35 0.00 10.61
CA LEU B 7 18.76 -0.19 12.00
C LEU B 7 18.38 1.01 12.85
N GLY B 8 17.92 0.75 14.07
CA GLY B 8 17.59 1.82 14.97
C GLY B 8 16.25 1.61 15.62
N THR B 9 15.76 2.67 16.24
CA THR B 9 14.54 2.68 17.00
C THR B 9 13.50 3.49 16.27
N TRP B 10 12.32 2.91 16.09
CA TRP B 10 11.30 3.45 15.23
C TRP B 10 10.05 3.70 16.04
N LYS B 11 9.49 4.89 15.91
CA LYS B 11 8.29 5.33 16.61
C LYS B 11 7.11 5.39 15.65
N LEU B 12 6.01 4.75 16.06
CA LEU B 12 4.80 4.76 15.25
C LEU B 12 4.18 6.17 15.18
N VAL B 13 3.90 6.65 13.97
CA VAL B 13 3.30 7.97 13.80
C VAL B 13 1.99 7.96 13.03
N SER B 14 1.68 6.94 12.24
CA SER B 14 0.41 6.87 11.56
CA SER B 14 0.41 6.87 11.55
C SER B 14 0.02 5.41 11.39
N SER B 15 -1.28 5.13 11.50
CA SER B 15 -1.76 3.76 11.35
C SER B 15 -3.17 3.72 10.79
N GLU B 16 -3.46 2.72 9.96
CA GLU B 16 -4.82 2.46 9.54
C GLU B 16 -5.08 0.97 9.50
N ASN B 17 -6.32 0.59 9.86
CA ASN B 17 -6.85 -0.76 9.72
C ASN B 17 -6.18 -1.79 10.62
N PHE B 18 -5.48 -1.36 11.67
CA PHE B 18 -4.82 -2.32 12.57
C PHE B 18 -5.86 -3.24 13.23
N ASP B 19 -6.97 -2.67 13.69
CA ASP B 19 -7.99 -3.51 14.31
C ASP B 19 -8.53 -4.54 13.32
N ASP B 20 -8.84 -4.12 12.08
CA ASP B 20 -9.33 -5.07 11.10
C ASP B 20 -8.31 -6.17 10.84
N TYR B 21 -7.04 -5.79 10.80
CA TYR B 21 -5.99 -6.77 10.56
C TYR B 21 -5.96 -7.81 11.67
N MET B 22 -5.91 -7.33 12.93
CA MET B 22 -5.94 -8.24 14.08
CA MET B 22 -5.91 -8.28 14.04
C MET B 22 -7.16 -9.16 14.00
N LYS B 23 -8.32 -8.59 13.65
CA LYS B 23 -9.52 -9.42 13.52
C LYS B 23 -9.33 -10.51 12.48
N ALA B 24 -8.74 -10.16 11.34
CA ALA B 24 -8.49 -11.13 10.28
C ALA B 24 -7.55 -12.22 10.75
N LEU B 25 -6.63 -11.91 11.68
CA LEU B 25 -5.75 -12.92 12.26
C LEU B 25 -6.45 -13.84 13.26
N GLY B 26 -7.68 -13.54 13.64
CA GLY B 26 -8.40 -14.31 14.63
C GLY B 26 -8.36 -13.80 16.06
N VAL B 27 -7.88 -12.58 16.29
CA VAL B 27 -7.87 -12.02 17.63
C VAL B 27 -9.29 -11.59 17.96
N GLY B 28 -9.78 -11.99 19.14
CA GLY B 28 -11.13 -11.66 19.52
C GLY B 28 -11.31 -10.19 19.85
N LEU B 29 -12.59 -9.79 19.89
CA LEU B 29 -12.94 -8.39 20.12
C LEU B 29 -12.31 -7.84 21.40
N ALA B 30 -12.48 -8.54 22.53
CA ALA B 30 -12.01 -7.90 23.75
C ALA B 30 -10.48 -7.88 23.79
N THR B 31 -9.85 -8.88 23.24
CA THR B 31 -8.39 -8.88 23.21
C THR B 31 -7.85 -7.78 22.30
N ARG B 32 -8.48 -7.56 21.14
CA ARG B 32 -8.07 -6.42 20.34
C ARG B 32 -8.14 -5.13 21.15
N LYS B 33 -9.20 -4.96 21.93
CA LYS B 33 -9.35 -3.79 22.79
C LYS B 33 -8.15 -3.59 23.74
N LEU B 34 -7.46 -4.67 24.10
N LEU B 34 -7.56 -4.69 24.19
CA LEU B 34 -6.39 -4.55 25.07
CA LEU B 34 -6.60 -4.64 25.29
C LEU B 34 -5.20 -3.75 24.54
C LEU B 34 -5.35 -3.87 24.89
N GLY B 35 -4.93 -3.80 23.23
N GLY B 35 -4.85 -4.10 23.67
CA GLY B 35 -3.88 -2.99 22.64
CA GLY B 35 -3.71 -3.38 23.16
C GLY B 35 -3.78 -3.09 21.12
C GLY B 35 -3.90 -2.84 21.74
N ASN B 36 -4.41 -2.22 20.35
N ASN B 36 -4.92 -2.01 21.55
CA ASN B 36 -5.22 -1.05 20.76
CA ASN B 36 -5.12 -1.33 20.28
C ASN B 36 -4.35 0.07 21.33
C ASN B 36 -4.61 0.10 20.29
N LEU B 37 -4.58 0.49 22.58
N LEU B 37 -4.17 0.60 21.44
CA LEU B 37 -4.09 1.77 23.07
CA LEU B 37 -3.55 1.91 21.50
C LEU B 37 -2.65 1.73 23.57
C LEU B 37 -2.39 1.99 20.49
N ALA B 38 -1.98 0.58 23.49
N ALA B 38 -2.19 3.17 19.93
CA ALA B 38 -0.56 0.50 23.78
CA ALA B 38 -1.21 3.40 18.86
C ALA B 38 0.17 0.68 22.45
C ALA B 38 0.00 4.14 19.43
N LYS B 39 0.75 1.85 22.23
N LYS B 39 0.79 3.41 20.23
CA LYS B 39 1.35 2.19 20.96
CA LYS B 39 1.96 3.95 20.91
C LYS B 39 2.71 1.52 20.84
C LYS B 39 2.96 2.79 20.97
N GLY B 40 3.37 1.69 19.70
N GLY B 40 3.59 2.50 19.84
CA GLY B 40 4.42 0.79 19.28
CA GLY B 40 4.46 1.35 19.73
C GLY B 40 5.77 1.46 19.06
C GLY B 40 5.87 1.72 19.30
N THR B 41 6.81 0.83 19.54
CA THR B 41 8.19 1.11 19.18
C THR B 41 8.76 -0.15 18.56
N VAL B 42 9.45 -0.01 17.44
CA VAL B 42 10.09 -1.14 16.79
C VAL B 42 11.59 -0.85 16.79
N ILE B 43 12.39 -1.80 17.28
CA ILE B 43 13.83 -1.66 17.30
C ILE B 43 14.41 -2.73 16.42
N ILE B 44 15.14 -2.32 15.37
CA ILE B 44 15.80 -3.22 14.45
C ILE B 44 17.31 -3.14 14.69
N SER B 45 17.93 -4.30 14.86
CA SER B 45 19.36 -4.42 15.16
C SER B 45 19.95 -5.62 14.43
N LYS B 46 21.29 -5.72 14.41
CA LYS B 46 21.90 -6.88 13.79
C LYS B 46 23.16 -7.22 14.57
N LYS B 47 23.44 -8.52 14.67
CA LYS B 47 24.72 -9.02 15.20
C LYS B 47 25.22 -10.02 14.17
N GLY B 48 26.26 -9.65 13.42
CA GLY B 48 26.71 -10.53 12.35
C GLY B 48 25.58 -10.70 11.36
N ASP B 49 25.22 -11.95 11.06
CA ASP B 49 24.20 -12.22 10.07
C ASP B 49 22.83 -12.50 10.69
N ILE B 50 22.66 -12.27 11.99
CA ILE B 50 21.37 -12.40 12.67
C ILE B 50 20.75 -11.01 12.84
N ILE B 51 19.56 -10.82 12.27
CA ILE B 51 18.81 -9.59 12.37
C ILE B 51 17.75 -9.79 13.46
N THR B 52 17.54 -8.76 14.29
CA THR B 52 16.52 -8.83 15.33
C THR B 52 15.55 -7.69 15.16
N ILE B 53 14.25 -8.00 15.25
CA ILE B 53 13.22 -6.98 15.22
C ILE B 53 12.45 -7.12 16.52
N ARG B 54 12.52 -6.10 17.35
CA ARG B 54 11.86 -6.11 18.65
C ARG B 54 10.74 -5.09 18.61
N THR B 55 9.55 -5.50 19.04
CA THR B 55 8.40 -4.62 19.11
C THR B 55 8.00 -4.43 20.57
N GLU B 56 8.02 -3.19 21.04
CA GLU B 56 7.78 -2.86 22.44
C GLU B 56 6.52 -2.03 22.55
N SER B 57 5.68 -2.37 23.53
CA SER B 57 4.54 -1.54 23.92
C SER B 57 4.33 -1.72 25.41
N THR B 58 3.55 -0.81 26.01
CA THR B 58 3.26 -0.96 27.44
C THR B 58 2.53 -2.27 27.68
N PHE B 59 1.79 -2.72 26.67
N PHE B 59 1.77 -2.72 26.69
CA PHE B 59 0.97 -3.92 26.76
CA PHE B 59 1.00 -3.94 26.83
C PHE B 59 1.79 -5.19 26.61
C PHE B 59 1.86 -5.18 26.70
N LYS B 60 2.80 -5.18 25.75
CA LYS B 60 3.43 -6.42 25.31
C LYS B 60 4.71 -6.14 24.55
N ASN B 61 5.78 -6.87 24.88
CA ASN B 61 7.04 -6.82 24.15
C ASN B 61 7.25 -8.15 23.45
N THR B 62 7.58 -8.12 22.16
CA THR B 62 7.94 -9.33 21.44
C THR B 62 9.21 -9.06 20.65
N GLU B 63 9.87 -10.13 20.23
CA GLU B 63 10.97 -9.96 19.28
C GLU B 63 11.19 -11.22 18.47
N ILE B 64 11.73 -11.03 17.27
CA ILE B 64 12.13 -12.11 16.40
C ILE B 64 13.58 -11.86 16.02
N SER B 65 14.32 -12.95 15.89
CA SER B 65 15.68 -12.97 15.40
C SER B 65 15.76 -14.01 14.28
N PHE B 66 16.50 -13.68 13.22
CA PHE B 66 16.49 -14.52 12.02
C PHE B 66 17.69 -14.26 11.14
N LYS B 67 17.96 -15.22 10.27
CA LYS B 67 18.86 -15.05 9.13
C LYS B 67 17.99 -14.93 7.89
N LEU B 68 18.38 -14.05 6.96
CA LEU B 68 17.58 -13.87 5.76
C LEU B 68 17.41 -15.18 5.01
N GLY B 69 16.19 -15.47 4.58
CA GLY B 69 15.86 -16.64 3.79
C GLY B 69 15.86 -17.97 4.50
N GLN B 70 15.95 -18.01 5.84
CA GLN B 70 15.95 -19.26 6.56
C GLN B 70 14.77 -19.29 7.50
N GLU B 71 13.92 -20.30 7.33
CA GLU B 71 12.70 -20.38 8.10
C GLU B 71 13.01 -20.51 9.58
N PHE B 72 12.21 -19.85 10.41
CA PHE B 72 12.38 -19.89 11.86
C PHE B 72 11.03 -19.97 12.56
N GLU B 73 11.03 -20.47 13.79
CA GLU B 73 9.80 -20.56 14.57
C GLU B 73 9.55 -19.26 15.33
N GLU B 74 8.28 -18.88 15.40
CA GLU B 74 7.91 -17.61 16.00
C GLU B 74 6.66 -17.83 16.83
N THR B 75 6.62 -17.27 18.04
CA THR B 75 5.38 -17.14 18.81
C THR B 75 4.98 -15.66 18.82
N THR B 76 3.90 -15.34 18.11
CA THR B 76 3.52 -13.95 17.93
C THR B 76 2.91 -13.34 19.19
N ALA B 77 2.73 -12.02 19.13
CA ALA B 77 2.15 -11.31 20.27
C ALA B 77 0.77 -11.84 20.61
N ASP B 78 0.04 -12.31 19.63
CA ASP B 78 -1.26 -12.88 19.86
C ASP B 78 -1.20 -14.40 20.02
N ASN B 79 -0.01 -14.94 20.27
CA ASN B 79 0.20 -16.32 20.68
C ASN B 79 -0.07 -17.32 19.56
N ARG B 80 0.11 -16.90 18.31
CA ARG B 80 0.11 -17.86 17.22
C ARG B 80 1.50 -18.52 17.16
N LYS B 81 1.54 -19.82 16.90
CA LYS B 81 2.79 -20.56 16.72
C LYS B 81 3.02 -20.69 15.22
N THR B 82 3.92 -19.88 14.69
CA THR B 82 4.06 -19.77 13.24
C THR B 82 5.45 -20.23 12.80
N LYS B 83 5.55 -20.51 11.50
CA LYS B 83 6.82 -20.70 10.79
C LYS B 83 6.97 -19.50 9.88
N SER B 84 8.06 -18.77 10.02
CA SER B 84 8.23 -17.49 9.33
C SER B 84 9.53 -17.46 8.53
N ILE B 85 9.53 -16.64 7.46
CA ILE B 85 10.73 -16.41 6.66
C ILE B 85 10.76 -14.94 6.31
N VAL B 86 11.93 -14.34 6.42
CA VAL B 86 12.15 -12.94 6.06
C VAL B 86 13.09 -12.91 4.86
N THR B 87 12.67 -12.21 3.81
CA THR B 87 13.43 -12.08 2.57
C THR B 87 13.59 -10.60 2.28
N LEU B 88 14.52 -10.31 1.40
CA LEU B 88 14.83 -8.96 0.96
C LEU B 88 14.47 -8.86 -0.51
N GLN B 89 13.52 -7.99 -0.86
CA GLN B 89 13.01 -7.83 -2.22
C GLN B 89 13.01 -6.35 -2.56
N ARG B 90 13.88 -5.96 -3.49
CA ARG B 90 14.08 -4.57 -3.89
C ARG B 90 14.20 -3.65 -2.67
N GLY B 91 15.03 -4.03 -1.70
CA GLY B 91 15.27 -3.21 -0.55
C GLY B 91 14.22 -3.27 0.52
N SER B 92 13.10 -3.93 0.28
CA SER B 92 12.06 -4.15 1.27
C SER B 92 12.31 -5.43 2.05
N LEU B 93 11.98 -5.41 3.33
N LEU B 93 12.14 -5.37 3.37
CA LEU B 93 12.10 -6.54 4.23
CA LEU B 93 12.09 -6.58 4.21
C LEU B 93 10.74 -7.22 4.31
C LEU B 93 10.71 -7.17 4.15
N ASN B 94 10.64 -8.43 3.79
CA ASN B 94 9.35 -9.08 3.59
C ASN B 94 9.27 -10.33 4.45
N GLN B 95 8.34 -10.32 5.39
CA GLN B 95 8.15 -11.41 6.32
C GLN B 95 6.84 -12.15 5.99
N VAL B 96 6.91 -13.48 5.92
N VAL B 96 6.93 -13.47 5.88
CA VAL B 96 5.71 -14.28 5.74
CA VAL B 96 5.76 -14.32 5.76
C VAL B 96 5.62 -15.25 6.90
C VAL B 96 5.68 -15.11 7.04
N GLN B 97 4.46 -15.27 7.56
CA GLN B 97 4.18 -16.12 8.71
C GLN B 97 3.11 -17.12 8.29
N ARG B 98 3.34 -18.40 8.57
CA ARG B 98 2.44 -19.48 8.23
C ARG B 98 2.06 -20.27 9.47
N TRP B 99 0.77 -20.60 9.60
CA TRP B 99 0.29 -21.37 10.73
C TRP B 99 -1.10 -21.87 10.36
N ASP B 100 -1.39 -23.12 10.74
CA ASP B 100 -2.72 -23.71 10.57
C ASP B 100 -3.27 -23.55 9.14
N GLY B 101 -2.41 -23.72 8.14
CA GLY B 101 -2.78 -23.55 6.75
C GLY B 101 -3.07 -22.14 6.30
N LYS B 102 -2.83 -21.14 7.16
CA LYS B 102 -3.00 -19.74 6.82
C LYS B 102 -1.65 -19.04 6.63
N GLU B 103 -1.72 -17.85 6.06
CA GLU B 103 -0.51 -17.06 5.82
C GLU B 103 -0.83 -15.58 5.95
N THR B 104 0.11 -14.83 6.51
CA THR B 104 0.05 -13.39 6.54
C THR B 104 1.42 -12.86 6.18
N THR B 105 1.43 -11.68 5.57
CA THR B 105 2.69 -11.05 5.18
C THR B 105 2.84 -9.69 5.85
N ILE B 106 4.07 -9.36 6.24
CA ILE B 106 4.41 -8.05 6.78
C ILE B 106 5.59 -7.55 5.97
N LYS B 107 5.38 -6.48 5.22
CA LYS B 107 6.40 -5.84 4.42
C LYS B 107 6.84 -4.52 5.06
N ARG B 108 8.14 -4.33 5.18
CA ARG B 108 8.71 -3.15 5.80
C ARG B 108 9.63 -2.51 4.78
N LYS B 109 9.32 -1.29 4.36
CA LYS B 109 10.20 -0.64 3.38
C LYS B 109 10.42 0.80 3.81
N LEU B 110 11.57 1.31 3.44
CA LEU B 110 11.94 2.68 3.75
C LEU B 110 11.43 3.57 2.64
N VAL B 111 10.76 4.66 3.02
CA VAL B 111 10.14 5.57 2.06
C VAL B 111 10.49 6.96 2.56
N ASN B 112 11.39 7.63 1.84
CA ASN B 112 11.81 8.99 2.16
C ASN B 112 12.11 9.13 3.65
N GLY B 113 12.94 8.22 4.16
CA GLY B 113 13.42 8.29 5.52
C GLY B 113 12.53 7.65 6.56
N LYS B 114 11.25 7.40 6.23
CA LYS B 114 10.34 6.73 7.14
C LYS B 114 10.28 5.23 6.82
N MET B 115 9.92 4.43 7.83
CA MET B 115 9.68 3.00 7.62
C MET B 115 8.18 2.79 7.52
N VAL B 116 7.75 2.14 6.44
CA VAL B 116 6.35 1.83 6.20
C VAL B 116 6.16 0.34 6.33
N ALA B 117 5.22 -0.08 7.18
CA ALA B 117 4.87 -1.47 7.35
C ALA B 117 3.50 -1.73 6.71
N GLU B 118 3.43 -2.76 5.88
N GLU B 118 3.46 -2.74 5.86
CA GLU B 118 2.18 -3.15 5.24
CA GLU B 118 2.21 -3.16 5.26
C GLU B 118 1.89 -4.61 5.56
C GLU B 118 1.98 -4.59 5.72
N LYS B 120 -0.78 -7.80 5.58
CA LYS B 120 -1.91 -8.30 4.80
C LYS B 120 -2.37 -9.63 5.30
N MET B 121 -3.67 -9.76 5.51
CA MET B 121 -4.26 -11.04 5.86
C MET B 121 -5.59 -11.15 5.14
N LYS B 122 -5.72 -12.07 4.20
N LYS B 122 -5.71 -12.13 4.27
CA LYS B 122 -7.01 -12.31 3.53
CA LYS B 122 -6.86 -12.25 3.36
C LYS B 122 -7.65 -11.00 3.05
C LYS B 122 -6.91 -10.94 2.58
N GLY B 123 -6.87 -10.17 2.35
N GLY B 123 -8.03 -10.24 2.53
CA GLY B 123 -7.42 -8.97 1.74
CA GLY B 123 -8.10 -8.97 1.85
C GLY B 123 -7.70 -7.82 2.68
C GLY B 123 -7.71 -7.77 2.67
N VAL B 124 -7.36 -7.95 3.95
CA VAL B 124 -7.26 -6.83 4.86
C VAL B 124 -5.82 -6.40 4.89
N VAL B 125 -5.61 -5.08 4.83
CA VAL B 125 -4.28 -4.49 4.80
C VAL B 125 -4.19 -3.42 5.87
N CYS B 126 -3.26 -3.58 6.78
CA CYS B 126 -2.92 -2.58 7.77
C CYS B 126 -1.67 -1.89 7.26
N THR B 127 -1.70 -0.56 7.23
CA THR B 127 -0.53 0.23 6.86
C THR B 127 -0.14 1.16 8.01
N ARG B 128 1.13 1.06 8.43
CA ARG B 128 1.67 1.88 9.51
C ARG B 128 2.92 2.61 9.06
N ILE B 129 3.08 3.85 9.53
CA ILE B 129 4.27 4.66 9.26
C ILE B 129 5.03 4.90 10.57
N TYR B 130 6.36 4.73 10.52
CA TYR B 130 7.27 4.95 11.64
C TYR B 130 8.32 5.98 11.29
N GLU B 131 8.70 6.79 12.29
CA GLU B 131 9.80 7.73 12.20
C GLU B 131 10.96 7.30 13.07
N LYS B 132 12.17 7.49 12.58
CA LYS B 132 13.35 7.08 13.30
C LYS B 132 13.66 8.08 14.40
N VAL B 133 14.03 7.58 15.56
CA VAL B 133 14.29 8.46 16.67
C VAL B 133 15.80 8.62 16.79
#